data_6MPV
#
_entry.id   6MPV
#
_cell.length_a   1
_cell.length_b   1
_cell.length_c   1
_cell.angle_alpha   90.00
_cell.angle_beta   90.00
_cell.angle_gamma   90.00
#
_symmetry.space_group_name_H-M   'P 1'
#
loop_
_entity.id
_entity.type
_entity.pdbx_description
1 polymer 'Cysteine-rich protective antigen'
2 polymer 'Reticulocyte binding protein 5'
3 polymer PfRipr
4 polymer PfRipr
#
loop_
_entity_poly.entity_id
_entity_poly.type
_entity_poly.pdbx_seq_one_letter_code
_entity_poly.pdbx_strand_id
1 'polypeptide(L)'
;RHVFIRTELSFIKNNVPCIRDMFFIYKRELYNICLDDLKGEEDETHIYVQKKVKDSWITLNDLFKETDLTGRPHIFAYVD
VEEIIILLCEDEEFSNRKKDMTCHRFYSNDGKEYNNAEITISDYILKDKLLSSYVSLPLKIENREYFLICGVSPYKFKDD
NKKDDILCMASHDKGETWGTKIVIKYDNYKLGVQYFFLRPYISKNDLSFHFYVGDNINNVKNVNFIECTHEKDLEFVCSN
RDFLKDNKVLQDVSTLNDEYIVSYGNDNNFAECYIFFNNENSILIKPEKYGNTTAGCYGGTFVKIDENRALFIYSSSQGI
YNIHTIYYANYE
;
A
2 'polypeptide(L)'
;IIPHYTFLDYYKHLSYNSIYHKSSTYGKCIAVDAFIKKINETYDKVKSKCNDIKNDLIATIKKLEHPYDINNKNDDSYRY
DISEEIDDKSEETDDETEEVEDSIQDTDSNHTPSNKKKNDLMNRTFKKMMDEYNTKKKKLIKCIKNHENDFNKICMDMKN
YGTNLFEQLSCYNNNFCNTNGIRYHYDEYIHKLILSVKSKNLNKDLSDMTNILQQSELLLTNLNKKMGSYIYIDTIKFIH
KEMKHIFNRIEYHTKIINDKTKIIQDKIKLNIWRTFQKDELLKRILDMSNEYSLFITSDHLRQMLYNTFYSKEKHLNNIF
HHLIYVLQMK
;
B
3 'polypeptide(L)' (UNK)(UNK)(UNK)(UNK)(UNK)(UNK)(UNK)(UNK)(UNK)(UNK)(UNK)(UNK)(UNK)(UNK)(UNK)(UNK) C
4 'polypeptide(L)' (UNK)(UNK)(UNK)(UNK)(UNK) D
#
# COMPACT_ATOMS: atom_id res chain seq x y z
N ARG A 1 -14.11 12.13 -39.46
CA ARG A 1 -14.29 12.15 -40.91
C ARG A 1 -13.09 12.65 -41.67
N HIS A 2 -12.96 13.98 -41.70
CA HIS A 2 -12.18 14.67 -42.73
C HIS A 2 -10.80 15.03 -42.19
N VAL A 3 -9.91 14.05 -42.16
CA VAL A 3 -8.54 14.27 -41.71
C VAL A 3 -7.51 13.57 -42.60
N PHE A 4 -6.42 14.27 -42.92
CA PHE A 4 -5.35 13.67 -43.72
C PHE A 4 -4.14 13.47 -42.83
N ILE A 5 -3.71 12.20 -42.75
CA ILE A 5 -2.65 11.81 -41.86
C ILE A 5 -1.50 11.26 -42.66
N ARG A 6 -0.45 12.06 -42.71
CA ARG A 6 0.76 11.69 -43.45
C ARG A 6 1.74 11.08 -42.45
N THR A 7 1.90 9.77 -42.51
CA THR A 7 2.78 9.03 -41.61
C THR A 7 4.02 8.54 -42.36
N GLU A 8 5.13 8.46 -41.65
CA GLU A 8 6.41 8.12 -42.27
C GLU A 8 7.38 7.61 -41.20
N LEU A 9 8.55 7.15 -41.65
CA LEU A 9 9.46 6.27 -40.90
C LEU A 9 10.89 6.80 -40.92
N SER A 10 11.65 6.50 -39.86
CA SER A 10 13.09 6.74 -39.89
C SER A 10 13.79 5.77 -38.92
N PHE A 11 15.14 5.84 -38.92
CA PHE A 11 16.02 4.85 -38.30
C PHE A 11 17.13 5.50 -37.49
N ILE A 12 17.41 4.95 -36.30
CA ILE A 12 18.50 5.37 -35.44
C ILE A 12 19.32 4.13 -35.09
N LYS A 13 20.60 4.32 -34.77
CA LYS A 13 21.40 3.28 -34.13
C LYS A 13 22.07 3.82 -32.88
N ASN A 14 22.35 2.91 -31.95
CA ASN A 14 23.15 3.17 -30.76
C ASN A 14 23.99 1.94 -30.47
N ASN A 15 25.26 2.16 -30.13
CA ASN A 15 26.19 1.04 -29.96
C ASN A 15 25.91 0.25 -28.68
N VAL A 16 25.50 0.92 -27.61
CA VAL A 16 25.19 0.25 -26.35
C VAL A 16 23.73 0.56 -26.01
N PRO A 17 23.03 -0.30 -25.27
CA PRO A 17 21.61 -0.04 -25.01
C PRO A 17 21.38 0.96 -23.88
N CYS A 18 20.17 1.52 -23.88
CA CYS A 18 19.68 2.43 -22.85
C CYS A 18 18.18 2.16 -22.69
N ILE A 19 17.77 1.62 -21.54
CA ILE A 19 16.43 1.02 -21.44
C ILE A 19 15.36 2.09 -21.37
N ARG A 20 15.35 2.91 -20.32
CA ARG A 20 14.36 3.98 -20.17
C ARG A 20 14.96 5.28 -20.69
N ASP A 21 14.36 5.84 -21.73
CA ASP A 21 14.90 7.02 -22.35
C ASP A 21 13.84 8.10 -22.51
N MET A 22 14.29 9.35 -22.54
CA MET A 22 13.42 10.52 -22.54
C MET A 22 13.58 11.25 -23.86
N PHE A 23 12.47 11.78 -24.39
CA PHE A 23 12.45 12.32 -25.74
C PHE A 23 11.55 13.55 -25.82
N PHE A 24 11.94 14.52 -26.65
CA PHE A 24 11.31 15.83 -26.71
C PHE A 24 11.81 16.60 -27.93
N ILE A 25 11.34 17.84 -28.05
CA ILE A 25 11.75 18.77 -29.10
C ILE A 25 12.36 19.99 -28.44
N TYR A 26 13.63 20.25 -28.74
CA TYR A 26 14.32 21.44 -28.29
C TYR A 26 14.92 22.09 -29.52
N LYS A 27 14.37 23.24 -29.91
CA LYS A 27 14.77 24.02 -31.09
C LYS A 27 14.67 23.21 -32.37
N ARG A 28 13.71 22.28 -32.41
CA ARG A 28 13.62 21.21 -33.42
C ARG A 28 14.94 20.48 -33.57
N GLU A 29 15.38 19.87 -32.47
CA GLU A 29 16.48 18.92 -32.50
C GLU A 29 16.09 17.69 -31.70
N LEU A 30 16.18 16.53 -32.34
CA LEU A 30 15.87 15.26 -31.70
C LEU A 30 16.91 14.93 -30.64
N TYR A 31 16.49 14.87 -29.39
CA TYR A 31 17.40 14.64 -28.28
C TYR A 31 17.05 13.34 -27.56
N ASN A 32 17.91 12.97 -26.62
CA ASN A 32 17.72 11.75 -25.86
C ASN A 32 18.38 11.89 -24.49
N ILE A 33 17.89 11.09 -23.55
CA ILE A 33 18.46 10.94 -22.22
C ILE A 33 18.67 9.46 -21.99
N CYS A 34 19.92 9.00 -22.06
CA CYS A 34 20.23 7.58 -21.97
C CYS A 34 20.05 7.04 -20.55
N LEU A 35 20.03 5.72 -20.46
CA LEU A 35 19.96 5.00 -19.19
C LEU A 35 21.13 4.06 -19.06
N ASP A 36 21.88 4.20 -17.97
CA ASP A 36 22.81 3.17 -17.50
C ASP A 36 22.37 2.85 -16.07
N ASP A 37 21.41 1.95 -15.95
CA ASP A 37 20.91 1.51 -14.64
C ASP A 37 21.68 0.28 -14.18
N LEU A 38 23.00 0.43 -14.14
CA LEU A 38 23.91 -0.64 -13.75
C LEU A 38 24.82 -0.07 -12.67
N LYS A 39 24.75 -0.67 -11.48
CA LYS A 39 25.54 -0.21 -10.34
C LYS A 39 26.59 -1.24 -9.98
N GLY A 40 27.23 -1.81 -10.98
CA GLY A 40 28.05 -3.00 -10.80
C GLY A 40 29.54 -2.74 -10.87
N GLU A 41 30.28 -3.77 -11.29
CA GLU A 41 31.74 -3.75 -11.27
C GLU A 41 32.32 -2.83 -12.35
N GLU A 42 31.75 -2.85 -13.55
CA GLU A 42 32.28 -2.09 -14.67
C GLU A 42 31.38 -0.96 -15.15
N ASP A 43 30.17 -0.83 -14.61
CA ASP A 43 29.29 0.26 -14.97
C ASP A 43 28.69 0.92 -13.74
N GLU A 44 28.51 2.22 -13.87
CA GLU A 44 27.91 3.09 -12.86
C GLU A 44 26.78 3.82 -13.54
N THR A 45 26.27 4.88 -12.92
CA THR A 45 25.37 5.79 -13.62
C THR A 45 26.11 6.45 -14.78
N HIS A 46 25.58 6.30 -15.98
CA HIS A 46 26.16 6.95 -17.15
C HIS A 46 25.02 7.42 -18.04
N ILE A 47 24.57 8.64 -17.81
CA ILE A 47 23.39 9.18 -18.48
C ILE A 47 23.89 10.13 -19.55
N TYR A 48 23.85 9.69 -20.79
CA TYR A 48 24.37 10.46 -21.91
C TYR A 48 23.25 11.22 -22.59
N VAL A 49 23.44 12.52 -22.78
CA VAL A 49 22.48 13.36 -23.47
C VAL A 49 22.83 13.32 -24.94
N GLN A 50 22.00 12.63 -25.72
CA GLN A 50 22.32 12.26 -27.09
C GLN A 50 21.40 12.97 -28.07
N LYS A 51 21.99 13.61 -29.07
CA LYS A 51 21.26 14.08 -30.24
C LYS A 51 21.48 13.10 -31.38
N LYS A 52 20.41 12.78 -32.10
CA LYS A 52 20.55 12.01 -33.33
C LYS A 52 20.84 12.98 -34.46
N VAL A 53 22.10 13.06 -34.84
CA VAL A 53 22.53 13.89 -35.96
C VAL A 53 22.51 12.96 -37.18
N LYS A 54 21.33 12.87 -37.80
CA LYS A 54 21.05 12.36 -39.14
C LYS A 54 21.16 10.84 -39.29
N ASP A 55 21.77 10.12 -38.36
CA ASP A 55 21.79 8.67 -38.48
C ASP A 55 21.64 7.92 -37.17
N SER A 56 22.11 8.51 -36.07
CA SER A 56 22.45 7.76 -34.88
C SER A 56 22.73 8.72 -33.75
N TRP A 57 22.71 8.20 -32.54
CA TRP A 57 22.83 9.05 -31.36
C TRP A 57 24.25 9.57 -31.19
N ILE A 58 24.35 10.87 -30.98
CA ILE A 58 25.61 11.55 -30.72
C ILE A 58 25.46 12.21 -29.36
N THR A 59 26.20 11.71 -28.36
CA THR A 59 26.16 12.27 -27.01
C THR A 59 26.64 13.71 -26.99
N LEU A 60 25.74 14.62 -26.66
CA LEU A 60 26.12 16.02 -26.60
C LEU A 60 26.96 16.31 -25.37
N ASN A 61 26.60 15.69 -24.24
CA ASN A 61 27.37 15.76 -22.99
C ASN A 61 26.85 14.69 -22.05
N ASP A 62 27.70 14.31 -21.08
CA ASP A 62 27.37 13.34 -20.04
C ASP A 62 26.77 14.08 -18.84
N LEU A 63 26.32 13.31 -17.84
CA LEU A 63 25.75 13.88 -16.62
C LEU A 63 26.35 13.35 -15.33
N PHE A 64 27.17 12.30 -15.38
CA PHE A 64 27.66 11.66 -14.17
C PHE A 64 28.76 12.45 -13.47
N LYS A 65 29.49 13.30 -14.20
CA LYS A 65 30.61 14.01 -13.60
C LYS A 65 30.16 15.11 -12.63
N GLU A 66 28.97 15.67 -12.83
CA GLU A 66 28.51 16.75 -11.95
C GLU A 66 28.03 16.20 -10.61
N THR A 67 26.95 15.42 -10.64
CA THR A 67 26.46 14.74 -9.45
C THR A 67 27.26 13.47 -9.26
N ASP A 68 28.06 13.42 -8.20
CA ASP A 68 29.11 12.41 -8.10
C ASP A 68 28.52 11.04 -7.81
N LEU A 69 27.92 10.83 -6.64
CA LEU A 69 26.98 9.73 -6.43
C LEU A 69 25.80 10.25 -5.62
N THR A 70 24.86 10.88 -6.32
CA THR A 70 23.55 11.21 -5.77
C THR A 70 22.64 11.41 -6.97
N GLY A 71 21.73 10.47 -7.21
CA GLY A 71 21.57 9.25 -6.45
C GLY A 71 21.32 8.06 -7.35
N ARG A 72 20.17 7.40 -7.13
CA ARG A 72 19.61 6.42 -8.06
C ARG A 72 19.61 6.90 -9.51
N PRO A 73 19.18 8.14 -9.83
CA PRO A 73 18.29 9.16 -9.27
C PRO A 73 16.99 9.26 -10.07
N HIS A 74 16.14 10.24 -9.77
CA HIS A 74 14.95 10.50 -10.57
C HIS A 74 15.16 11.79 -11.37
N ILE A 75 14.98 11.69 -12.68
CA ILE A 75 15.36 12.73 -13.63
C ILE A 75 14.12 13.52 -14.02
N PHE A 76 14.23 14.84 -14.00
CA PHE A 76 13.08 15.68 -14.37
C PHE A 76 13.58 16.85 -15.20
N ALA A 77 13.13 16.93 -16.45
CA ALA A 77 13.54 17.96 -17.38
C ALA A 77 12.33 18.75 -17.86
N TYR A 78 12.45 20.07 -17.88
CA TYR A 78 11.38 20.95 -18.32
C TYR A 78 11.77 21.59 -19.63
N VAL A 79 10.93 21.42 -20.65
CA VAL A 79 11.30 21.81 -22.01
C VAL A 79 10.88 23.24 -22.28
N ASP A 80 11.74 24.18 -21.92
CA ASP A 80 11.74 25.48 -22.59
C ASP A 80 12.69 25.35 -23.77
N VAL A 81 12.41 26.13 -24.82
CA VAL A 81 13.18 26.02 -26.05
C VAL A 81 14.50 26.78 -25.93
N GLU A 82 14.70 27.51 -24.84
CA GLU A 82 15.99 28.14 -24.59
C GLU A 82 16.76 27.49 -23.46
N GLU A 83 16.11 26.67 -22.64
CA GLU A 83 16.70 26.24 -21.39
C GLU A 83 15.95 25.02 -20.87
N ILE A 84 16.69 24.12 -20.22
CA ILE A 84 16.11 22.90 -19.65
C ILE A 84 16.74 22.67 -18.29
N ILE A 85 15.91 22.51 -17.26
CA ILE A 85 16.34 22.37 -15.88
C ILE A 85 16.25 20.90 -15.50
N ILE A 86 17.35 20.33 -15.03
CA ILE A 86 17.43 18.90 -14.72
C ILE A 86 17.82 18.74 -13.26
N LEU A 87 17.01 17.99 -12.51
CA LEU A 87 17.28 17.64 -11.13
C LEU A 87 17.42 16.13 -11.01
N LEU A 88 18.14 15.71 -9.97
CA LEU A 88 18.44 14.30 -9.74
C LEU A 88 18.26 14.00 -8.26
N CYS A 89 17.31 13.12 -7.92
CA CYS A 89 17.07 12.73 -6.55
C CYS A 89 16.79 11.23 -6.51
N GLU A 90 17.30 10.57 -5.48
CA GLU A 90 17.42 9.11 -5.46
C GLU A 90 16.12 8.43 -5.01
N ASP A 91 16.23 7.12 -4.76
CA ASP A 91 15.10 6.30 -4.33
C ASP A 91 14.85 6.51 -2.84
N GLU A 92 13.64 6.13 -2.40
CA GLU A 92 13.23 6.17 -1.00
C GLU A 92 13.98 5.16 -0.12
N ASN A 96 15.59 6.01 2.58
CA ASN A 96 14.80 5.04 3.35
C ASN A 96 14.21 5.70 4.57
N ARG A 97 14.90 6.73 5.05
CA ARG A 97 14.43 7.48 6.21
C ARG A 97 14.33 8.97 5.89
N LYS A 98 15.37 9.52 5.27
CA LYS A 98 15.62 10.95 5.29
C LYS A 98 14.66 11.73 4.40
N LYS A 99 14.14 12.83 4.94
CA LYS A 99 13.45 13.82 4.14
C LYS A 99 14.34 14.98 3.77
N ASP A 100 15.34 15.28 4.60
CA ASP A 100 16.29 16.33 4.28
C ASP A 100 17.11 15.89 3.09
N MET A 101 16.76 16.42 1.91
CA MET A 101 17.21 15.79 0.67
C MET A 101 17.92 16.84 -0.18
N THR A 102 19.22 17.00 0.08
CA THR A 102 20.07 17.83 -0.75
C THR A 102 20.18 17.20 -2.13
N CYS A 103 19.66 17.87 -3.13
CA CYS A 103 19.75 17.40 -4.49
C CYS A 103 20.60 18.39 -5.28
N HIS A 104 20.61 18.25 -6.59
CA HIS A 104 21.48 19.12 -7.39
C HIS A 104 20.71 19.53 -8.64
N ARG A 105 21.03 20.71 -9.16
CA ARG A 105 20.26 21.31 -10.24
C ARG A 105 21.18 21.61 -11.43
N PHE A 106 20.66 21.38 -12.63
CA PHE A 106 21.41 21.56 -13.86
C PHE A 106 20.83 22.72 -14.66
N TYR A 107 21.70 23.36 -15.44
CA TYR A 107 21.26 24.39 -16.37
C TYR A 107 22.12 24.33 -17.62
N SER A 108 21.49 24.57 -18.77
CA SER A 108 22.19 24.80 -20.01
C SER A 108 21.28 25.57 -20.95
N ASN A 109 21.85 26.01 -22.06
CA ASN A 109 21.07 26.47 -23.19
C ASN A 109 21.37 25.65 -24.44
N ASP A 110 22.39 24.80 -24.39
CA ASP A 110 22.73 23.84 -25.42
C ASP A 110 22.60 22.43 -24.83
N GLY A 111 23.05 21.44 -25.60
CA GLY A 111 23.13 20.09 -25.09
C GLY A 111 24.47 19.72 -24.50
N LYS A 112 25.45 20.61 -24.58
CA LYS A 112 26.79 20.28 -24.16
C LYS A 112 27.24 21.08 -22.94
N GLU A 113 27.23 22.40 -23.01
CA GLU A 113 27.84 23.22 -21.97
C GLU A 113 26.85 23.43 -20.84
N TYR A 114 27.14 22.82 -19.69
CA TYR A 114 26.19 22.73 -18.60
C TYR A 114 26.62 23.65 -17.48
N ASN A 115 25.69 24.41 -16.97
CA ASN A 115 25.87 25.02 -15.66
C ASN A 115 25.20 24.13 -14.63
N ASN A 116 25.86 23.98 -13.49
CA ASN A 116 25.34 23.17 -12.41
C ASN A 116 24.90 24.07 -11.27
N ALA A 117 24.11 23.51 -10.36
CA ALA A 117 23.61 24.31 -9.25
C ALA A 117 23.37 23.40 -8.06
N GLU A 118 24.12 23.63 -6.97
CA GLU A 118 23.81 22.98 -5.72
C GLU A 118 22.51 23.51 -5.17
N ILE A 119 21.54 22.62 -4.98
CA ILE A 119 20.32 22.97 -4.29
C ILE A 119 20.22 22.09 -3.06
N THR A 120 19.16 22.26 -2.28
CA THR A 120 18.93 21.42 -1.10
C THR A 120 17.42 21.37 -0.91
N ILE A 121 16.80 20.28 -1.36
CA ILE A 121 15.37 20.16 -1.15
C ILE A 121 15.19 19.41 0.16
N SER A 122 15.34 20.11 1.26
CA SER A 122 15.30 19.45 2.55
C SER A 122 13.86 19.37 3.04
N ASP A 123 13.55 18.24 3.67
CA ASP A 123 12.18 17.84 4.03
C ASP A 123 11.25 17.93 2.82
N TYR A 124 11.53 17.09 1.82
CA TYR A 124 10.63 17.00 0.68
C TYR A 124 9.32 16.39 1.13
N ILE A 125 8.23 16.88 0.54
CA ILE A 125 6.89 16.52 0.98
C ILE A 125 6.39 15.28 0.24
N LEU A 126 7.28 14.61 -0.49
CA LEU A 126 6.90 13.41 -1.21
C LEU A 126 7.24 12.15 -0.41
N LYS A 127 7.43 12.30 0.90
CA LYS A 127 7.46 11.14 1.77
C LYS A 127 6.10 10.46 1.73
N ASP A 128 6.12 9.13 1.57
CA ASP A 128 4.97 8.30 1.22
C ASP A 128 4.30 8.79 -0.07
N LYS A 129 5.12 9.30 -0.99
CA LYS A 129 4.72 9.49 -2.37
C LYS A 129 5.72 8.76 -3.25
N LEU A 130 5.31 8.48 -4.48
CA LEU A 130 6.05 7.58 -5.34
C LEU A 130 6.25 8.25 -6.69
N LEU A 131 7.50 8.44 -7.08
CA LEU A 131 7.82 9.07 -8.36
C LEU A 131 9.07 8.46 -8.99
N SER A 132 9.09 8.51 -10.32
CA SER A 132 10.24 8.16 -11.14
C SER A 132 10.38 9.20 -12.24
N SER A 133 11.31 8.95 -13.16
CA SER A 133 11.69 9.96 -14.14
C SER A 133 10.68 10.07 -15.27
N TYR A 134 10.44 11.30 -15.71
CA TYR A 134 9.59 11.58 -16.87
C TYR A 134 9.90 12.97 -17.40
N VAL A 135 9.45 13.23 -18.63
CA VAL A 135 9.58 14.53 -19.28
C VAL A 135 8.40 15.38 -18.88
N SER A 136 8.66 16.66 -18.59
CA SER A 136 7.58 17.59 -18.30
C SER A 136 7.82 18.89 -19.06
N LEU A 137 6.80 19.75 -19.02
CA LEU A 137 6.73 20.98 -19.79
C LEU A 137 6.42 22.13 -18.86
N PRO A 138 6.47 23.37 -19.34
CA PRO A 138 5.82 24.46 -18.61
C PRO A 138 4.30 24.36 -18.71
N LEU A 139 3.66 25.12 -17.83
CA LEU A 139 2.21 25.02 -17.67
C LEU A 139 1.77 26.33 -17.01
N LYS A 140 1.04 27.16 -17.74
CA LYS A 140 0.75 28.49 -17.23
C LYS A 140 -0.58 28.52 -16.49
N ILE A 141 -0.51 28.81 -15.20
CA ILE A 141 -1.62 29.36 -14.46
C ILE A 141 -1.42 30.87 -14.45
N GLU A 142 -2.51 31.62 -14.28
CA GLU A 142 -2.72 33.04 -14.62
C GLU A 142 -1.53 33.97 -14.43
N ASN A 143 -0.73 33.74 -13.39
CA ASN A 143 0.46 34.53 -13.17
C ASN A 143 1.60 34.13 -14.10
N ARG A 144 2.08 32.90 -13.98
CA ARG A 144 3.31 32.49 -14.63
C ARG A 144 3.16 31.12 -15.27
N GLU A 145 4.08 30.77 -16.15
CA GLU A 145 4.22 29.37 -16.46
C GLU A 145 4.87 28.68 -15.27
N TYR A 146 4.57 27.39 -15.11
CA TYR A 146 4.99 26.71 -13.89
C TYR A 146 5.55 25.33 -14.19
N PHE A 147 6.43 24.88 -13.27
CA PHE A 147 7.07 23.57 -13.29
C PHE A 147 6.65 22.83 -12.03
N LEU A 148 6.39 21.52 -12.15
CA LEU A 148 5.76 20.76 -11.07
C LEU A 148 6.47 19.44 -10.82
N ILE A 149 6.29 18.92 -9.61
CA ILE A 149 6.76 17.59 -9.20
C ILE A 149 5.61 16.94 -8.44
N CYS A 150 4.98 15.93 -9.05
CA CYS A 150 3.68 15.42 -8.63
C CYS A 150 3.78 14.01 -8.04
N GLY A 151 3.94 13.91 -6.72
CA GLY A 151 4.02 12.64 -6.05
C GLY A 151 2.66 12.03 -5.81
N VAL A 152 2.48 10.79 -6.27
CA VAL A 152 1.20 10.10 -6.18
C VAL A 152 1.16 9.28 -4.91
N SER A 153 -0.01 9.21 -4.30
CA SER A 153 -0.27 8.21 -3.27
C SER A 153 -0.56 6.90 -3.99
N PRO A 154 0.24 5.86 -3.80
CA PRO A 154 -0.09 4.58 -4.44
C PRO A 154 -1.28 3.87 -3.79
N TYR A 155 -1.35 3.83 -2.46
CA TYR A 155 -2.43 3.12 -1.78
C TYR A 155 -2.96 3.92 -0.60
N LYS A 156 -4.28 3.97 -0.49
CA LYS A 156 -4.99 4.42 0.70
C LYS A 156 -5.94 3.33 1.14
N PHE A 157 -5.95 3.05 2.45
CA PHE A 157 -6.95 2.15 3.02
C PHE A 157 -8.35 2.72 2.83
N LYS A 158 -8.60 3.90 3.37
CA LYS A 158 -9.90 4.54 3.30
C LYS A 158 -9.87 5.68 2.31
N ASP A 159 -10.99 5.87 1.61
CA ASP A 159 -11.14 6.98 0.69
C ASP A 159 -11.59 8.20 1.50
N ASP A 160 -10.69 8.65 2.36
CA ASP A 160 -10.99 9.73 3.29
C ASP A 160 -11.10 11.07 2.58
N ASN A 161 -10.29 11.27 1.56
CA ASN A 161 -10.30 12.49 0.79
C ASN A 161 -9.72 12.19 -0.57
N LYS A 162 -10.27 12.82 -1.61
CA LYS A 162 -9.72 12.70 -2.95
C LYS A 162 -8.67 13.77 -3.24
N LYS A 163 -8.24 14.51 -2.22
CA LYS A 163 -7.24 15.55 -2.39
C LYS A 163 -5.82 15.05 -2.17
N ASP A 164 -5.64 13.98 -1.39
CA ASP A 164 -4.32 13.50 -1.00
C ASP A 164 -3.81 12.42 -1.96
N ASP A 165 -4.35 12.36 -3.17
CA ASP A 165 -3.94 11.32 -4.12
C ASP A 165 -2.61 11.68 -4.78
N ILE A 166 -2.57 12.79 -5.50
CA ILE A 166 -1.37 13.24 -6.20
C ILE A 166 -0.94 14.57 -5.60
N LEU A 167 0.28 14.61 -5.11
CA LEU A 167 0.80 15.79 -4.40
C LEU A 167 1.82 16.47 -5.29
N CYS A 168 1.47 17.64 -5.79
CA CYS A 168 2.27 18.34 -6.80
C CYS A 168 2.97 19.54 -6.16
N MET A 169 4.23 19.38 -5.80
CA MET A 169 5.04 20.54 -5.44
C MET A 169 5.41 21.28 -6.71
N ALA A 170 5.15 22.58 -6.74
CA ALA A 170 5.37 23.39 -7.93
C ALA A 170 6.37 24.49 -7.64
N SER A 171 7.07 24.92 -8.69
CA SER A 171 7.99 26.03 -8.61
C SER A 171 7.34 27.29 -9.16
N HIS A 172 8.11 28.37 -9.15
CA HIS A 172 7.71 29.61 -9.78
C HIS A 172 8.82 30.28 -10.56
N ASP A 173 10.07 29.84 -10.41
CA ASP A 173 11.24 30.56 -10.87
C ASP A 173 12.20 29.62 -11.58
N LYS A 174 11.67 28.88 -12.58
CA LYS A 174 12.30 27.86 -13.42
C LYS A 174 12.58 26.57 -12.66
N GLY A 175 12.23 26.48 -11.39
CA GLY A 175 12.71 25.40 -10.56
C GLY A 175 13.77 25.81 -9.57
N GLU A 176 14.05 27.12 -9.44
CA GLU A 176 14.96 27.57 -8.39
C GLU A 176 14.35 27.34 -7.02
N THR A 177 13.20 27.94 -6.75
CA THR A 177 12.48 27.73 -5.51
C THR A 177 11.13 27.09 -5.81
N TRP A 178 10.78 26.09 -5.00
CA TRP A 178 9.55 25.34 -5.16
C TRP A 178 8.70 25.69 -3.94
N GLY A 179 8.05 26.84 -4.02
CA GLY A 179 7.29 27.35 -2.89
C GLY A 179 5.81 27.27 -3.18
N THR A 180 5.41 26.19 -3.82
CA THR A 180 4.04 26.02 -4.25
C THR A 180 3.69 24.54 -4.24
N LYS A 181 2.56 24.21 -3.64
CA LYS A 181 2.06 22.84 -3.63
C LYS A 181 0.67 22.82 -4.25
N ILE A 182 0.44 21.85 -5.13
CA ILE A 182 -0.75 21.80 -5.96
C ILE A 182 -1.50 20.50 -5.74
N VAL A 183 -2.80 20.60 -5.55
CA VAL A 183 -3.66 19.46 -5.23
C VAL A 183 -4.35 19.00 -6.50
N ILE A 184 -4.43 17.69 -6.69
CA ILE A 184 -5.19 17.10 -7.78
C ILE A 184 -6.30 16.26 -7.17
N LYS A 185 -7.51 16.36 -7.72
CA LYS A 185 -8.61 15.53 -7.25
C LYS A 185 -8.86 14.40 -8.24
N TYR A 186 -8.85 13.17 -7.74
CA TYR A 186 -9.09 11.98 -8.56
C TYR A 186 -10.35 11.30 -8.06
N ASP A 187 -11.38 11.28 -8.91
CA ASP A 187 -12.71 10.89 -8.51
C ASP A 187 -12.97 9.39 -8.66
N ASN A 188 -12.12 8.68 -9.40
CA ASN A 188 -12.24 7.24 -9.61
C ASN A 188 -11.37 6.47 -8.62
N TYR A 189 -11.22 6.97 -7.40
CA TYR A 189 -10.27 6.37 -6.48
C TYR A 189 -10.84 5.09 -5.91
N LYS A 190 -10.54 3.98 -6.56
CA LYS A 190 -11.00 2.67 -6.11
C LYS A 190 -10.02 2.13 -5.08
N LEU A 191 -10.52 1.93 -3.85
CA LEU A 191 -9.69 1.46 -2.74
C LEU A 191 -9.26 0.02 -2.97
N GLY A 192 -8.14 -0.34 -2.35
CA GLY A 192 -7.56 -1.64 -2.56
C GLY A 192 -6.99 -1.87 -3.94
N VAL A 193 -6.90 -0.85 -4.76
CA VAL A 193 -6.31 -0.93 -6.09
C VAL A 193 -5.14 0.03 -6.08
N GLN A 194 -3.95 -0.50 -5.82
CA GLN A 194 -2.77 0.36 -5.64
C GLN A 194 -2.25 0.79 -7.00
N TYR A 195 -2.48 2.06 -7.32
CA TYR A 195 -2.18 2.62 -8.63
C TYR A 195 -0.67 2.72 -8.80
N PHE A 196 -0.19 2.42 -10.00
CA PHE A 196 1.25 2.25 -10.23
C PHE A 196 1.79 3.21 -11.27
N PHE A 197 2.95 3.80 -10.95
CA PHE A 197 3.90 4.42 -11.88
C PHE A 197 3.24 5.55 -12.68
N LEU A 198 2.90 6.60 -11.95
CA LEU A 198 2.22 7.76 -12.52
C LEU A 198 3.06 8.44 -13.59
N ARG A 199 2.43 8.75 -14.72
CA ARG A 199 3.11 9.44 -15.82
C ARG A 199 2.27 10.65 -16.21
N PRO A 200 2.52 11.82 -15.60
CA PRO A 200 1.87 13.07 -16.03
C PRO A 200 2.59 13.71 -17.20
N TYR A 201 1.92 13.78 -18.34
CA TYR A 201 2.40 14.52 -19.49
C TYR A 201 1.57 15.78 -19.64
N ILE A 202 2.05 16.73 -20.43
CA ILE A 202 1.42 18.04 -20.57
C ILE A 202 1.01 18.25 -22.02
N SER A 203 -0.24 18.66 -22.22
CA SER A 203 -0.77 18.95 -23.54
C SER A 203 -1.50 20.30 -23.51
N LYS A 204 -0.85 21.32 -24.08
CA LYS A 204 -1.46 22.60 -24.46
C LYS A 204 -2.01 23.35 -23.25
N ASN A 205 -1.10 23.64 -22.31
CA ASN A 205 -1.35 24.37 -21.05
C ASN A 205 -2.49 23.74 -20.25
N ASP A 206 -2.60 22.43 -20.32
CA ASP A 206 -3.62 21.68 -19.61
C ASP A 206 -2.96 20.52 -18.88
N LEU A 207 -3.71 19.89 -18.01
CA LEU A 207 -3.20 18.86 -17.13
C LEU A 207 -3.63 17.50 -17.64
N SER A 208 -2.80 16.49 -17.42
CA SER A 208 -3.13 15.14 -17.84
C SER A 208 -2.31 14.16 -17.02
N PHE A 209 -2.98 13.26 -16.32
CA PHE A 209 -2.29 12.21 -15.59
C PHE A 209 -2.56 10.86 -16.24
N HIS A 210 -1.56 9.98 -16.16
CA HIS A 210 -1.68 8.63 -16.69
C HIS A 210 -0.83 7.70 -15.85
N PHE A 211 -1.28 6.47 -15.68
CA PHE A 211 -0.65 5.57 -14.71
C PHE A 211 -1.05 4.13 -15.04
N TYR A 212 -0.72 3.22 -14.13
CA TYR A 212 -1.05 1.80 -14.28
C TYR A 212 -2.00 1.37 -13.17
N ASN A 224 -4.55 3.86 -15.23
CA ASN A 224 -5.54 4.25 -16.21
C ASN A 224 -5.26 5.64 -16.77
N PHE A 225 -6.04 6.04 -17.74
CA PHE A 225 -6.01 7.40 -18.26
C PHE A 225 -7.00 8.27 -17.52
N ILE A 226 -6.56 9.48 -17.19
CA ILE A 226 -7.45 10.52 -16.72
C ILE A 226 -7.07 11.83 -17.40
N GLU A 227 -7.98 12.36 -18.20
CA GLU A 227 -7.87 13.74 -18.65
C GLU A 227 -8.17 14.66 -17.47
N CYS A 228 -7.40 15.74 -17.35
CA CYS A 228 -7.36 16.49 -16.09
C CYS A 228 -7.54 17.97 -16.35
N THR A 229 -8.19 18.65 -15.40
CA THR A 229 -8.49 20.07 -15.56
C THR A 229 -8.30 20.82 -14.24
N HIS A 230 -8.20 22.14 -14.40
CA HIS A 230 -8.13 23.09 -13.29
C HIS A 230 -9.40 23.06 -12.45
N GLU A 231 -9.22 23.17 -11.12
CA GLU A 231 -10.31 23.60 -10.26
C GLU A 231 -10.00 24.90 -9.54
N LYS A 232 -8.94 24.96 -8.77
CA LYS A 232 -8.58 26.12 -7.99
C LYS A 232 -7.20 26.57 -8.38
N ASP A 233 -6.68 27.53 -7.63
CA ASP A 233 -5.30 27.97 -7.84
C ASP A 233 -4.31 26.84 -7.55
N LEU A 234 -4.64 26.00 -6.58
CA LEU A 234 -3.82 24.85 -6.27
C LEU A 234 -4.56 23.53 -6.38
N GLU A 235 -5.88 23.53 -6.22
CA GLU A 235 -6.66 22.31 -6.34
C GLU A 235 -7.07 22.12 -7.79
N PHE A 236 -6.76 20.97 -8.36
CA PHE A 236 -7.18 20.62 -9.72
C PHE A 236 -8.06 19.39 -9.65
N VAL A 237 -8.36 18.81 -10.81
CA VAL A 237 -9.24 17.65 -10.90
C VAL A 237 -8.86 16.87 -12.15
N CYS A 238 -9.25 15.59 -12.17
CA CYS A 238 -9.19 14.75 -13.34
C CYS A 238 -10.53 14.06 -13.55
N SER A 239 -11.05 14.16 -14.77
CA SER A 239 -12.24 13.43 -15.15
C SER A 239 -11.84 12.14 -15.86
N ASN A 240 -12.77 11.20 -15.91
CA ASN A 240 -12.45 9.89 -16.46
C ASN A 240 -12.75 9.83 -17.95
N ARG A 241 -12.13 8.85 -18.61
CA ARG A 241 -12.15 8.70 -20.06
C ARG A 241 -11.62 7.32 -20.45
N ASP A 242 -12.33 6.62 -21.33
CA ASP A 242 -11.96 5.24 -21.65
C ASP A 242 -10.97 5.20 -22.79
N PHE A 243 -10.02 4.27 -22.68
CA PHE A 243 -9.22 3.81 -23.81
C PHE A 243 -8.97 2.32 -23.75
N LEU A 244 -9.83 1.56 -23.07
CA LEU A 244 -9.55 0.17 -22.76
C LEU A 244 -10.44 -0.74 -23.60
N LYS A 245 -9.82 -1.69 -24.28
CA LYS A 245 -10.51 -2.74 -25.00
C LYS A 245 -9.79 -4.05 -24.70
N ASP A 246 -10.08 -5.06 -25.50
CA ASP A 246 -9.69 -6.45 -25.23
C ASP A 246 -8.18 -6.59 -25.29
N ASN A 247 -7.57 -6.63 -24.10
CA ASN A 247 -6.12 -6.63 -23.88
C ASN A 247 -5.44 -5.42 -24.50
N LYS A 248 -6.17 -4.33 -24.67
CA LYS A 248 -5.66 -3.14 -25.34
C LYS A 248 -5.48 -2.07 -24.28
N VAL A 249 -4.33 -2.11 -23.62
CA VAL A 249 -4.04 -1.13 -22.59
C VAL A 249 -3.65 0.20 -23.25
N LEU A 250 -3.59 1.24 -22.45
CA LEU A 250 -3.10 2.53 -22.89
C LEU A 250 -1.71 2.77 -22.33
N GLN A 251 -0.78 3.16 -23.19
CA GLN A 251 0.63 3.23 -22.83
C GLN A 251 1.26 4.58 -23.13
N ASP A 252 0.83 5.24 -24.20
CA ASP A 252 1.20 6.62 -24.49
C ASP A 252 0.14 7.22 -25.42
N VAL A 253 -0.12 8.51 -25.24
CA VAL A 253 -1.05 9.28 -26.06
C VAL A 253 -0.56 10.73 -26.08
N SER A 254 -0.45 11.29 -27.28
CA SER A 254 -0.36 12.73 -27.48
C SER A 254 -1.65 13.25 -28.09
N THR A 255 -1.67 14.54 -28.37
CA THR A 255 -2.80 15.15 -29.07
C THR A 255 -2.30 16.08 -30.15
N LEU A 256 -3.04 16.12 -31.25
CA LEU A 256 -2.98 17.20 -32.22
C LEU A 256 -4.39 17.70 -32.43
N ASN A 257 -4.56 19.03 -32.36
CA ASN A 257 -5.86 19.72 -32.33
C ASN A 257 -6.73 19.21 -31.18
N ASP A 258 -6.08 18.89 -30.05
CA ASP A 258 -6.68 18.44 -28.79
C ASP A 258 -7.55 17.19 -28.93
N GLU A 259 -7.32 16.39 -29.97
CA GLU A 259 -7.87 15.04 -30.04
C GLU A 259 -6.72 14.05 -30.00
N TYR A 260 -6.98 12.90 -29.37
CA TYR A 260 -5.92 12.00 -28.97
C TYR A 260 -5.36 11.24 -30.16
N ILE A 261 -4.14 10.75 -30.00
CA ILE A 261 -3.56 9.77 -30.92
C ILE A 261 -3.08 8.58 -30.09
N VAL A 262 -3.55 7.39 -30.45
CA VAL A 262 -3.59 6.26 -29.54
C VAL A 262 -2.67 5.16 -30.06
N SER A 263 -1.83 4.64 -29.17
CA SER A 263 -1.16 3.37 -29.38
C SER A 263 -1.60 2.39 -28.30
N TYR A 264 -1.24 1.13 -28.49
CA TYR A 264 -1.72 0.05 -27.63
C TYR A 264 -0.56 -0.83 -27.16
N GLY A 265 -0.76 -1.43 -25.99
CA GLY A 265 -0.01 -2.61 -25.61
C GLY A 265 -0.94 -3.80 -25.67
N ASN A 266 -0.82 -4.60 -26.73
CA ASN A 266 -1.81 -5.61 -27.03
C ASN A 266 -1.67 -6.86 -26.17
N ASP A 267 -0.50 -7.05 -25.57
CA ASP A 267 -0.20 -8.28 -24.86
C ASP A 267 0.55 -7.88 -23.60
N ASN A 268 1.23 -8.85 -23.01
CA ASN A 268 2.17 -8.54 -21.94
C ASN A 268 3.61 -8.51 -22.42
N ASN A 269 3.87 -8.77 -23.70
CA ASN A 269 5.22 -8.75 -24.23
C ASN A 269 5.58 -7.44 -24.92
N PHE A 270 4.61 -6.52 -25.06
CA PHE A 270 4.76 -5.26 -25.80
C PHE A 270 5.23 -5.50 -27.22
N ALA A 271 4.67 -6.51 -27.88
CA ALA A 271 5.23 -7.06 -29.11
C ALA A 271 5.19 -6.10 -30.29
N GLU A 272 4.00 -5.74 -30.76
CA GLU A 272 3.86 -4.73 -31.82
C GLU A 272 2.67 -3.85 -31.47
N CYS A 273 2.94 -2.56 -31.27
CA CYS A 273 1.92 -1.63 -30.83
C CYS A 273 0.92 -1.36 -31.94
N TYR A 274 -0.32 -1.06 -31.56
CA TYR A 274 -1.42 -0.90 -32.50
C TYR A 274 -1.93 0.53 -32.48
N ILE A 275 -1.92 1.19 -33.65
CA ILE A 275 -2.28 2.58 -33.78
C ILE A 275 -3.38 2.72 -34.82
N PHE A 276 -4.43 3.48 -34.48
CA PHE A 276 -5.56 3.71 -35.35
C PHE A 276 -5.61 5.16 -35.80
N PHE A 277 -6.35 5.41 -36.88
CA PHE A 277 -6.52 6.76 -37.41
C PHE A 277 -7.78 7.40 -36.81
N ASN A 278 -7.82 7.40 -35.47
CA ASN A 278 -8.89 8.03 -34.68
C ASN A 278 -10.26 7.47 -35.06
N ASN A 279 -10.33 6.13 -35.08
CA ASN A 279 -11.54 5.36 -35.41
C ASN A 279 -12.04 5.65 -36.82
N GLU A 280 -11.11 5.91 -37.74
CA GLU A 280 -11.48 6.07 -39.14
C GLU A 280 -10.75 5.09 -40.06
N ASN A 281 -9.43 5.00 -39.87
CA ASN A 281 -8.58 4.10 -40.65
C ASN A 281 -7.62 3.39 -39.70
N SER A 282 -6.59 2.74 -40.23
CA SER A 282 -5.62 2.05 -39.39
C SER A 282 -4.40 1.68 -40.20
N ILE A 283 -3.23 1.82 -39.58
CA ILE A 283 -1.97 1.30 -40.09
C ILE A 283 -1.22 0.61 -38.96
N LEU A 284 -0.25 -0.22 -39.31
CA LEU A 284 0.34 -1.19 -38.41
C LEU A 284 1.83 -0.98 -38.20
N ILE A 285 2.26 -1.05 -36.95
CA ILE A 285 3.68 -1.00 -36.60
C ILE A 285 4.32 -2.33 -36.95
N LYS A 286 5.40 -2.28 -37.73
CA LYS A 286 6.02 -3.47 -38.32
C LYS A 286 7.52 -3.52 -37.99
N PRO A 287 7.91 -3.99 -36.80
CA PRO A 287 9.35 -4.22 -36.59
C PRO A 287 9.80 -5.61 -37.03
N GLU A 288 9.28 -6.11 -38.16
CA GLU A 288 9.75 -7.30 -38.88
C GLU A 288 9.03 -7.41 -40.22
N LYS A 289 9.78 -7.62 -41.30
CA LYS A 289 9.15 -7.77 -42.60
C LYS A 289 9.74 -8.96 -43.35
N THR A 293 13.15 -8.16 -34.58
CA THR A 293 12.94 -9.60 -34.53
C THR A 293 13.21 -10.14 -33.13
N THR A 294 12.27 -10.97 -32.65
CA THR A 294 12.27 -11.53 -31.28
C THR A 294 12.35 -10.43 -30.24
N ALA A 295 11.58 -9.37 -30.45
CA ALA A 295 11.66 -8.17 -29.61
C ALA A 295 10.28 -7.51 -29.59
N GLY A 296 10.23 -6.25 -29.16
CA GLY A 296 8.94 -5.61 -28.94
C GLY A 296 8.75 -4.19 -29.44
N CYS A 297 7.74 -3.49 -28.94
CA CYS A 297 7.47 -2.09 -29.26
C CYS A 297 7.42 -1.21 -28.01
N TYR A 298 8.05 -1.63 -26.93
CA TYR A 298 7.97 -0.94 -25.65
C TYR A 298 8.73 0.38 -25.69
N GLY A 299 8.32 1.32 -24.85
CA GLY A 299 8.98 2.60 -24.74
C GLY A 299 8.55 3.62 -25.77
N GLY A 300 7.31 3.54 -26.22
CA GLY A 300 6.88 4.34 -27.36
C GLY A 300 6.62 5.78 -26.96
N THR A 301 7.14 6.71 -27.77
CA THR A 301 7.20 8.12 -27.42
C THR A 301 6.52 8.97 -28.50
N PHE A 302 5.27 9.36 -28.26
CA PHE A 302 4.61 10.31 -29.15
C PHE A 302 5.19 11.69 -28.98
N VAL A 303 6.30 11.96 -29.66
CA VAL A 303 7.01 13.23 -29.51
C VAL A 303 6.23 14.33 -30.21
N LYS A 304 5.96 15.41 -29.50
CA LYS A 304 5.10 16.48 -29.98
C LYS A 304 5.94 17.62 -30.55
N ILE A 305 5.63 18.02 -31.77
CA ILE A 305 6.41 19.04 -32.48
C ILE A 305 5.71 20.39 -32.43
N ASP A 306 4.52 20.46 -33.00
CA ASP A 306 3.75 21.69 -33.10
C ASP A 306 2.27 21.31 -33.12
N GLU A 307 1.44 22.21 -33.64
CA GLU A 307 0.02 21.93 -33.79
C GLU A 307 -0.26 20.78 -34.76
N ASN A 308 0.63 20.50 -35.71
CA ASN A 308 0.28 19.59 -36.80
C ASN A 308 1.29 18.50 -37.14
N ARG A 309 2.43 18.42 -36.47
CA ARG A 309 3.41 17.38 -36.78
C ARG A 309 3.78 16.63 -35.52
N ALA A 310 4.21 15.38 -35.69
CA ALA A 310 4.57 14.55 -34.55
C ALA A 310 5.56 13.48 -34.97
N LEU A 311 6.01 12.71 -33.98
CA LEU A 311 7.05 11.70 -34.12
C LEU A 311 6.69 10.52 -33.24
N PHE A 312 7.37 9.39 -33.46
CA PHE A 312 7.17 8.25 -32.56
C PHE A 312 8.41 7.38 -32.54
N ILE A 313 8.92 7.11 -31.35
CA ILE A 313 10.11 6.28 -31.14
C ILE A 313 9.87 5.38 -29.94
N TYR A 314 10.10 4.08 -30.12
CA TYR A 314 10.02 3.08 -29.06
C TYR A 314 11.38 2.43 -28.86
N SER A 315 11.41 1.37 -28.06
CA SER A 315 12.62 0.58 -27.81
C SER A 315 12.31 -0.88 -28.14
N SER A 316 12.92 -1.40 -29.20
CA SER A 316 12.65 -2.77 -29.58
C SER A 316 13.71 -3.73 -29.02
N SER A 317 14.96 -3.54 -29.41
CA SER A 317 16.04 -4.44 -29.02
C SER A 317 17.25 -3.64 -28.58
N GLN A 318 18.41 -4.29 -28.49
CA GLN A 318 19.62 -3.69 -27.96
C GLN A 318 20.13 -2.59 -28.90
N GLY A 319 19.99 -1.33 -28.46
CA GLY A 319 20.60 -0.20 -29.12
C GLY A 319 20.00 0.22 -30.44
N ILE A 320 18.76 -0.20 -30.75
CA ILE A 320 18.13 0.12 -32.02
C ILE A 320 16.84 0.87 -31.75
N TYR A 321 16.79 2.13 -32.17
CA TYR A 321 15.58 2.94 -32.16
C TYR A 321 15.17 3.24 -33.59
N ASN A 322 13.86 3.35 -33.82
CA ASN A 322 13.34 3.47 -35.17
C ASN A 322 12.21 4.48 -35.15
N ILE A 323 12.36 5.57 -35.90
CA ILE A 323 11.46 6.70 -35.77
C ILE A 323 10.24 6.49 -36.65
N HIS A 324 9.07 6.89 -36.16
CA HIS A 324 7.84 6.92 -36.92
C HIS A 324 7.31 8.35 -36.88
N THR A 325 7.41 9.04 -38.01
CA THR A 325 7.20 10.48 -38.10
C THR A 325 5.81 10.77 -38.63
N ILE A 326 5.16 11.80 -38.06
CA ILE A 326 3.75 12.09 -38.29
C ILE A 326 3.60 13.50 -38.82
N TYR A 327 2.89 13.63 -39.93
CA TYR A 327 2.40 14.90 -40.44
C TYR A 327 0.88 14.84 -40.50
N TYR A 328 0.20 15.80 -39.88
CA TYR A 328 -1.24 15.66 -39.67
C TYR A 328 -1.91 17.01 -39.48
N ALA A 329 -2.67 17.43 -40.48
CA ALA A 329 -3.57 18.58 -40.34
C ALA A 329 -4.92 18.18 -40.89
N ASN A 330 -5.84 19.14 -40.96
CA ASN A 330 -7.23 18.89 -41.32
C ASN A 330 -7.55 19.55 -42.66
N TYR A 331 -8.03 18.76 -43.62
CA TYR A 331 -8.45 19.36 -44.88
C TYR A 331 -9.87 19.91 -44.79
N GLU A 332 -10.73 19.27 -44.01
CA GLU A 332 -12.01 19.88 -43.67
C GLU A 332 -12.21 19.74 -42.16
N ILE B 1 -5.02 -20.82 28.19
CA ILE B 1 -6.11 -21.68 27.77
C ILE B 1 -7.45 -21.02 28.08
N ILE B 2 -8.31 -20.92 27.07
CA ILE B 2 -9.52 -20.08 27.08
C ILE B 2 -10.51 -20.51 28.17
N PRO B 3 -10.93 -21.79 28.29
CA PRO B 3 -11.81 -22.12 29.43
C PRO B 3 -11.07 -22.15 30.73
N HIS B 4 -9.76 -22.41 30.69
CA HIS B 4 -8.96 -22.14 31.87
C HIS B 4 -8.88 -20.65 32.15
N TYR B 5 -8.96 -19.80 31.13
CA TYR B 5 -8.84 -18.37 31.40
C TYR B 5 -10.12 -17.84 32.03
N THR B 6 -11.25 -18.28 31.48
CA THR B 6 -12.55 -18.17 32.12
C THR B 6 -12.54 -18.77 33.53
N PHE B 7 -11.85 -19.88 33.72
CA PHE B 7 -11.84 -20.58 35.00
C PHE B 7 -11.08 -19.78 36.06
N LEU B 8 -9.89 -19.30 35.69
CA LEU B 8 -9.06 -18.49 36.57
C LEU B 8 -9.75 -17.18 36.94
N ASP B 9 -10.27 -16.47 35.94
CA ASP B 9 -10.87 -15.17 36.19
C ASP B 9 -12.21 -15.29 36.90
N TYR B 10 -12.95 -16.35 36.56
CA TYR B 10 -14.18 -16.77 37.23
C TYR B 10 -13.97 -16.98 38.73
N TYR B 11 -13.00 -17.83 39.10
CA TYR B 11 -12.72 -18.06 40.52
C TYR B 11 -12.05 -16.87 41.18
N LYS B 12 -11.45 -15.96 40.41
CA LYS B 12 -11.02 -14.70 40.98
C LYS B 12 -12.21 -13.87 41.42
N HIS B 13 -13.30 -13.93 40.66
CA HIS B 13 -14.46 -13.14 41.04
C HIS B 13 -15.32 -13.85 42.08
N LEU B 14 -15.27 -15.19 42.13
CA LEU B 14 -15.84 -15.88 43.27
C LEU B 14 -15.04 -15.59 44.53
N SER B 15 -13.72 -15.46 44.39
CA SER B 15 -12.82 -15.12 45.47
C SER B 15 -13.15 -13.75 46.04
N TYR B 16 -12.97 -12.71 45.23
CA TYR B 16 -13.14 -11.33 45.72
C TYR B 16 -14.60 -11.01 46.00
N ASN B 17 -15.51 -11.37 45.09
CA ASN B 17 -16.94 -11.17 45.31
C ASN B 17 -17.47 -12.02 46.45
N SER B 18 -16.73 -13.03 46.91
CA SER B 18 -17.02 -13.62 48.20
C SER B 18 -16.47 -12.78 49.34
N ILE B 19 -15.23 -12.32 49.24
CA ILE B 19 -14.57 -11.81 50.44
C ILE B 19 -14.72 -10.29 50.62
N TYR B 20 -15.63 -9.65 49.88
CA TYR B 20 -15.93 -8.24 50.16
C TYR B 20 -17.28 -8.02 50.82
N HIS B 21 -17.97 -9.08 51.24
CA HIS B 21 -19.08 -8.92 52.18
C HIS B 21 -18.59 -8.33 53.49
N LYS B 22 -17.45 -8.83 53.99
CA LYS B 22 -16.85 -8.40 55.24
C LYS B 22 -16.03 -7.15 54.96
N SER B 23 -16.55 -6.00 55.38
CA SER B 23 -15.97 -4.70 55.07
C SER B 23 -14.64 -4.45 55.79
N SER B 24 -14.29 -5.28 56.78
CA SER B 24 -13.01 -5.19 57.46
C SER B 24 -11.88 -5.86 56.68
N THR B 25 -12.18 -6.46 55.54
CA THR B 25 -11.20 -7.20 54.77
C THR B 25 -10.64 -6.39 53.60
N TYR B 26 -10.47 -5.08 53.78
CA TYR B 26 -10.00 -4.22 52.70
C TYR B 26 -8.53 -4.42 52.38
N GLY B 27 -7.78 -5.13 53.22
CA GLY B 27 -6.37 -5.37 52.97
C GLY B 27 -6.07 -6.78 52.54
N LYS B 28 -7.08 -7.65 52.45
CA LYS B 28 -6.82 -9.01 51.97
C LYS B 28 -6.58 -9.05 50.47
N CYS B 29 -6.94 -7.98 49.75
CA CYS B 29 -6.64 -7.89 48.33
C CYS B 29 -5.14 -7.83 48.06
N ILE B 30 -4.33 -7.48 49.06
CA ILE B 30 -2.89 -7.68 48.95
C ILE B 30 -2.55 -9.16 48.82
N ALA B 31 -3.22 -10.00 49.63
CA ALA B 31 -2.97 -11.43 49.59
C ALA B 31 -3.51 -12.07 48.32
N VAL B 32 -4.69 -11.65 47.87
CA VAL B 32 -5.28 -12.33 46.73
C VAL B 32 -4.72 -11.77 45.41
N ASP B 33 -4.43 -10.48 45.35
CA ASP B 33 -3.65 -9.93 44.24
C ASP B 33 -2.24 -10.52 44.24
N ALA B 34 -1.71 -10.87 45.41
CA ALA B 34 -0.45 -11.59 45.48
C ALA B 34 -0.60 -13.01 44.97
N PHE B 35 -1.80 -13.56 45.06
CA PHE B 35 -2.01 -14.84 44.39
C PHE B 35 -2.24 -14.66 42.90
N ILE B 36 -2.68 -13.48 42.46
CA ILE B 36 -2.69 -13.16 41.04
C ILE B 36 -1.26 -13.05 40.52
N LYS B 37 -0.37 -12.50 41.35
CA LYS B 37 1.07 -12.59 41.13
C LYS B 37 1.52 -14.05 41.03
N LYS B 38 1.02 -14.91 41.93
CA LYS B 38 1.40 -16.32 41.94
C LYS B 38 0.99 -17.04 40.67
N ILE B 39 -0.21 -16.77 40.16
CA ILE B 39 -0.66 -17.43 38.95
C ILE B 39 -0.05 -16.79 37.71
N ASN B 40 0.38 -15.53 37.79
CA ASN B 40 1.17 -14.99 36.70
C ASN B 40 2.55 -15.63 36.65
N GLU B 41 3.15 -15.86 37.82
CA GLU B 41 4.38 -16.63 37.94
C GLU B 41 4.23 -18.02 37.36
N THR B 42 3.34 -18.82 37.94
CA THR B 42 3.31 -20.24 37.66
C THR B 42 2.65 -20.50 36.30
N TYR B 43 1.47 -19.90 36.10
CA TYR B 43 0.75 -20.02 34.83
C TYR B 43 1.55 -19.43 33.69
N ASP B 44 2.05 -18.20 33.86
CA ASP B 44 2.70 -17.54 32.74
C ASP B 44 4.08 -18.13 32.45
N LYS B 45 4.80 -18.59 33.49
CA LYS B 45 6.14 -19.15 33.25
C LYS B 45 6.07 -20.58 32.71
N VAL B 46 5.09 -21.37 33.17
CA VAL B 46 4.87 -22.68 32.56
C VAL B 46 4.46 -22.53 31.09
N LYS B 47 3.63 -21.54 30.77
CA LYS B 47 3.34 -21.34 29.35
C LYS B 47 4.43 -20.56 28.62
N SER B 48 5.51 -20.17 29.31
CA SER B 48 6.71 -19.72 28.63
C SER B 48 7.79 -20.80 28.54
N LYS B 49 7.59 -21.95 29.18
CA LYS B 49 8.42 -23.12 28.88
C LYS B 49 8.32 -23.49 27.41
N CYS B 50 7.11 -23.38 26.85
CA CYS B 50 6.90 -23.54 25.42
C CYS B 50 7.46 -22.37 24.62
N ASN B 51 7.71 -21.22 25.25
CA ASN B 51 8.29 -20.08 24.57
C ASN B 51 9.81 -20.10 24.50
N ASP B 52 10.44 -21.22 24.84
CA ASP B 52 11.83 -21.40 24.46
C ASP B 52 11.89 -21.43 22.95
N ILE B 53 11.31 -22.49 22.38
CA ILE B 53 11.30 -22.64 20.94
C ILE B 53 10.03 -22.04 20.33
N LYS B 54 9.14 -21.48 21.16
CA LYS B 54 8.06 -20.67 20.60
C LYS B 54 8.47 -19.21 20.50
N ASN B 55 9.33 -18.72 21.42
CA ASN B 55 9.99 -17.45 21.12
C ASN B 55 10.99 -17.62 19.98
N ASP B 56 11.66 -18.78 19.91
CA ASP B 56 12.39 -19.14 18.70
C ASP B 56 11.47 -19.28 17.49
N LEU B 57 10.20 -19.59 17.69
CA LEU B 57 9.28 -19.66 16.56
C LEU B 57 8.81 -18.27 16.13
N ILE B 58 8.77 -17.31 17.05
CA ILE B 58 8.60 -15.91 16.67
C ILE B 58 9.80 -15.45 15.85
N ALA B 59 10.99 -15.90 16.26
CA ALA B 59 12.17 -15.70 15.41
C ALA B 59 12.10 -16.51 14.11
N THR B 60 11.27 -17.55 14.05
CA THR B 60 11.09 -18.27 12.80
C THR B 60 10.14 -17.53 11.88
N ILE B 61 9.20 -16.78 12.47
CA ILE B 61 8.45 -15.80 11.68
C ILE B 61 9.38 -14.72 11.15
N LYS B 62 10.43 -14.38 11.91
CA LYS B 62 11.46 -13.50 11.35
C LYS B 62 12.24 -14.19 10.23
N LYS B 63 12.51 -15.50 10.36
CA LYS B 63 13.15 -16.25 9.29
C LYS B 63 12.32 -16.22 8.02
N LEU B 64 11.00 -16.26 8.18
CA LEU B 64 10.08 -16.11 7.09
C LEU B 64 10.17 -14.73 6.44
N GLU B 65 9.80 -13.69 7.20
CA GLU B 65 9.19 -12.52 6.61
C GLU B 65 10.16 -11.56 5.93
N HIS B 66 11.45 -11.88 5.85
CA HIS B 66 12.39 -11.12 5.02
C HIS B 66 13.48 -12.06 4.52
N PRO B 67 13.73 -12.09 3.22
CA PRO B 67 14.99 -12.68 2.74
C PRO B 67 16.13 -11.68 2.89
N TYR B 68 15.82 -10.40 2.72
CA TYR B 68 16.71 -9.30 3.02
C TYR B 68 15.84 -8.11 3.35
N ASP B 69 16.46 -6.94 3.51
CA ASP B 69 15.66 -5.74 3.66
C ASP B 69 16.36 -4.53 3.05
N ARG B 124 7.46 -23.01 -3.16
CA ARG B 124 7.74 -24.44 -3.02
C ARG B 124 8.04 -24.75 -1.57
N THR B 125 9.05 -24.08 -1.04
CA THR B 125 9.41 -24.27 0.35
C THR B 125 8.43 -23.60 1.30
N PHE B 126 7.48 -22.82 0.78
CA PHE B 126 6.25 -22.49 1.47
C PHE B 126 5.55 -23.75 1.96
N LYS B 127 5.31 -24.67 1.04
CA LYS B 127 4.74 -25.96 1.41
C LYS B 127 5.74 -26.80 2.20
N LYS B 128 7.00 -26.80 1.77
CA LYS B 128 7.96 -27.77 2.29
C LYS B 128 8.37 -27.46 3.73
N MET B 129 8.53 -26.19 4.07
CA MET B 129 8.76 -25.80 5.46
C MET B 129 7.46 -25.43 6.18
N MET B 130 6.36 -25.28 5.45
CA MET B 130 5.04 -25.33 6.07
C MET B 130 4.82 -26.67 6.76
N ASP B 131 5.36 -27.75 6.17
CA ASP B 131 5.35 -29.07 6.81
C ASP B 131 6.08 -29.05 8.15
N GLU B 132 7.23 -28.38 8.20
CA GLU B 132 8.00 -28.27 9.42
C GLU B 132 7.30 -27.39 10.44
N TYR B 133 6.60 -26.37 9.94
CA TYR B 133 5.82 -25.47 10.77
C TYR B 133 4.66 -26.18 11.44
N ASN B 134 3.91 -26.97 10.69
CA ASN B 134 2.78 -27.67 11.27
C ASN B 134 3.21 -28.87 12.10
N THR B 135 4.32 -29.51 11.72
CA THR B 135 4.85 -30.60 12.54
C THR B 135 5.36 -30.07 13.88
N LYS B 136 6.04 -28.93 13.85
CA LYS B 136 6.34 -28.24 15.09
C LYS B 136 5.12 -27.59 15.73
N LYS B 137 3.96 -27.59 15.07
CA LYS B 137 2.75 -27.20 15.76
C LYS B 137 2.09 -28.39 16.43
N LYS B 138 2.35 -29.61 15.93
CA LYS B 138 2.10 -30.79 16.75
C LYS B 138 3.02 -30.78 17.95
N LYS B 139 4.21 -30.20 17.80
CA LYS B 139 5.05 -29.90 18.95
C LYS B 139 4.47 -28.76 19.80
N LEU B 140 3.68 -27.84 19.21
CA LEU B 140 3.04 -26.78 20.02
C LEU B 140 1.98 -27.37 20.96
N ILE B 141 0.96 -28.00 20.40
CA ILE B 141 -0.11 -28.56 21.22
C ILE B 141 0.37 -29.80 21.95
N LYS B 142 1.49 -30.37 21.50
CA LYS B 142 2.21 -31.36 22.29
C LYS B 142 2.85 -30.73 23.53
N CYS B 143 3.39 -29.52 23.40
CA CYS B 143 4.00 -28.85 24.54
C CYS B 143 2.95 -28.44 25.55
N ILE B 144 1.80 -27.98 25.06
CA ILE B 144 0.64 -27.78 25.89
C ILE B 144 0.17 -29.10 26.49
N LYS B 145 0.32 -30.18 25.72
CA LYS B 145 -0.15 -31.50 26.10
C LYS B 145 0.72 -32.16 27.16
N ASN B 146 1.97 -31.75 27.30
CA ASN B 146 2.85 -32.41 28.25
C ASN B 146 3.36 -31.49 29.34
N HIS B 147 3.19 -30.18 29.20
CA HIS B 147 3.05 -29.31 30.37
C HIS B 147 1.61 -29.23 30.84
N GLU B 148 0.71 -30.00 30.23
CA GLU B 148 -0.70 -29.99 30.57
C GLU B 148 -0.93 -30.40 32.02
N ASN B 149 -0.07 -31.30 32.52
CA ASN B 149 0.09 -31.60 33.94
C ASN B 149 0.15 -30.33 34.78
N ASP B 150 1.08 -29.45 34.38
CA ASP B 150 1.32 -28.22 35.11
C ASP B 150 0.16 -27.24 34.96
N PHE B 151 -0.39 -27.11 33.74
CA PHE B 151 -1.48 -26.15 33.49
C PHE B 151 -2.72 -26.48 34.31
N ASN B 152 -3.11 -27.76 34.34
CA ASN B 152 -4.25 -28.17 35.16
C ASN B 152 -3.96 -28.03 36.64
N LYS B 153 -2.71 -28.26 37.07
CA LYS B 153 -2.35 -27.99 38.47
C LYS B 153 -2.58 -26.53 38.83
N ILE B 154 -2.21 -25.62 37.93
CA ILE B 154 -2.32 -24.20 38.21
C ILE B 154 -3.78 -23.75 38.27
N CYS B 155 -4.56 -24.08 37.24
CA CYS B 155 -5.91 -23.55 37.16
C CYS B 155 -6.83 -24.22 38.17
N MET B 156 -6.62 -25.51 38.45
CA MET B 156 -7.40 -26.13 39.50
C MET B 156 -6.88 -25.76 40.90
N ASP B 157 -5.65 -25.25 40.99
CA ASP B 157 -5.29 -24.56 42.23
C ASP B 157 -6.02 -23.24 42.36
N MET B 158 -6.40 -22.62 41.24
CA MET B 158 -7.28 -21.47 41.37
C MET B 158 -8.70 -21.90 41.72
N LYS B 159 -9.10 -23.12 41.33
CA LYS B 159 -10.29 -23.71 41.94
C LYS B 159 -10.12 -23.84 43.44
N ASN B 160 -8.93 -24.23 43.89
CA ASN B 160 -8.67 -24.45 45.31
C ASN B 160 -8.74 -23.18 46.14
N TYR B 161 -7.82 -22.24 45.89
CA TYR B 161 -7.81 -20.98 46.64
C TYR B 161 -9.07 -20.17 46.38
N GLY B 162 -9.65 -20.33 45.18
CA GLY B 162 -10.87 -19.62 44.87
C GLY B 162 -12.05 -20.05 45.71
N THR B 163 -12.33 -21.35 45.74
CA THR B 163 -13.47 -21.83 46.51
C THR B 163 -13.20 -21.72 48.00
N ASN B 164 -11.93 -21.83 48.42
CA ASN B 164 -11.62 -21.61 49.82
C ASN B 164 -11.75 -20.15 50.19
N LEU B 165 -11.73 -19.24 49.22
CA LEU B 165 -12.17 -17.89 49.48
C LEU B 165 -13.67 -17.72 49.37
N PHE B 166 -14.37 -18.61 48.67
CA PHE B 166 -15.83 -18.58 48.73
C PHE B 166 -16.35 -18.99 50.11
N GLU B 167 -15.60 -19.84 50.82
CA GLU B 167 -15.95 -20.15 52.20
C GLU B 167 -15.91 -18.90 53.09
N GLN B 168 -15.09 -17.92 52.74
CA GLN B 168 -14.87 -16.78 53.61
C GLN B 168 -16.04 -15.81 53.62
N LEU B 169 -16.97 -15.90 52.68
CA LEU B 169 -18.20 -15.13 52.78
C LEU B 169 -19.09 -15.76 53.85
N SER B 170 -19.83 -14.90 54.55
CA SER B 170 -20.83 -15.34 55.50
C SER B 170 -21.92 -14.29 55.52
N CYS B 171 -22.92 -14.51 56.37
CA CYS B 171 -23.99 -13.54 56.61
C CYS B 171 -24.43 -13.60 58.06
N TYR B 172 -24.94 -12.46 58.54
CA TYR B 172 -25.56 -12.42 59.87
C TYR B 172 -26.90 -13.14 59.86
N ASN B 173 -27.62 -13.07 58.74
CA ASN B 173 -28.84 -13.82 58.53
C ASN B 173 -28.93 -14.10 57.02
N ASN B 174 -29.54 -15.23 56.67
CA ASN B 174 -29.50 -15.71 55.29
C ASN B 174 -30.65 -15.20 54.44
N ASN B 175 -31.69 -14.62 55.05
CA ASN B 175 -32.79 -14.07 54.27
C ASN B 175 -32.41 -12.76 53.60
N PHE B 176 -31.37 -12.08 54.08
CA PHE B 176 -30.94 -10.79 53.55
C PHE B 176 -29.52 -10.52 54.03
N CYS B 177 -28.68 -10.02 53.13
CA CYS B 177 -27.27 -9.83 53.47
C CYS B 177 -26.77 -8.47 52.99
N ASN B 178 -25.47 -8.25 53.01
CA ASN B 178 -24.93 -6.99 52.53
C ASN B 178 -24.76 -7.01 51.02
N THR B 179 -24.83 -5.83 50.43
CA THR B 179 -24.26 -5.60 49.12
C THR B 179 -23.20 -4.51 49.19
N ASN B 180 -22.34 -4.62 50.19
CA ASN B 180 -21.07 -3.92 50.13
C ASN B 180 -20.11 -4.67 49.22
N GLY B 181 -20.29 -5.97 49.10
CA GLY B 181 -19.45 -6.82 48.29
C GLY B 181 -19.49 -6.59 46.80
N ILE B 182 -20.63 -6.87 46.17
CA ILE B 182 -20.68 -6.85 44.71
C ILE B 182 -20.70 -5.41 44.20
N ARG B 183 -21.24 -4.49 45.01
CA ARG B 183 -21.15 -3.07 44.69
C ARG B 183 -19.70 -2.60 44.78
N TYR B 184 -19.01 -2.95 45.86
CA TYR B 184 -17.66 -2.46 46.06
C TYR B 184 -16.67 -3.09 45.10
N HIS B 185 -16.87 -4.35 44.73
CA HIS B 185 -15.92 -5.04 43.88
C HIS B 185 -16.26 -4.93 42.40
N TYR B 186 -17.56 -5.03 42.06
CA TYR B 186 -17.98 -4.71 40.70
C TYR B 186 -17.70 -3.26 40.36
N ASP B 187 -18.10 -2.35 41.24
CA ASP B 187 -17.92 -0.94 40.95
C ASP B 187 -16.46 -0.54 41.07
N GLU B 188 -15.81 -0.91 42.17
CA GLU B 188 -14.45 -0.48 42.42
C GLU B 188 -13.40 -1.33 41.73
N TYR B 189 -13.78 -2.40 41.04
CA TYR B 189 -12.80 -3.23 40.35
C TYR B 189 -13.20 -3.64 38.94
N ILE B 190 -14.47 -3.55 38.56
CA ILE B 190 -14.95 -4.12 37.30
C ILE B 190 -15.64 -3.09 36.43
N HIS B 191 -16.48 -2.26 37.06
CA HIS B 191 -17.41 -1.38 36.34
C HIS B 191 -16.69 -0.37 35.45
N LYS B 192 -15.45 -0.01 35.77
CA LYS B 192 -14.74 0.85 34.84
C LYS B 192 -14.26 0.07 33.61
N LEU B 193 -13.95 -1.22 33.75
CA LEU B 193 -13.69 -2.03 32.56
C LEU B 193 -14.95 -2.22 31.75
N ILE B 194 -16.09 -2.30 32.45
CA ILE B 194 -17.38 -2.28 31.78
C ILE B 194 -17.55 -0.98 30.99
N LEU B 195 -17.06 0.13 31.55
CA LEU B 195 -17.05 1.36 30.79
C LEU B 195 -16.00 1.38 29.69
N SER B 196 -14.98 0.53 29.78
CA SER B 196 -13.98 0.47 28.73
C SER B 196 -14.52 -0.23 27.50
N VAL B 197 -15.14 -1.38 27.69
CA VAL B 197 -15.67 -2.11 26.55
C VAL B 197 -16.97 -1.47 26.07
N LYS B 198 -17.75 -0.89 26.99
CA LYS B 198 -18.87 -0.04 26.58
C LYS B 198 -18.42 1.24 25.90
N SER B 199 -17.18 1.68 26.15
CA SER B 199 -16.71 2.95 25.63
C SER B 199 -16.32 2.91 24.16
N LYS B 200 -16.33 1.73 23.54
CA LYS B 200 -15.77 1.55 22.21
C LYS B 200 -16.84 1.03 21.27
N ASN B 201 -17.00 1.69 20.11
CA ASN B 201 -17.81 1.13 19.05
C ASN B 201 -16.92 0.16 18.27
N LEU B 202 -16.77 -1.03 18.82
CA LEU B 202 -16.03 -2.09 18.14
C LEU B 202 -16.88 -2.80 17.09
N ASN B 203 -18.12 -2.35 16.88
CA ASN B 203 -18.92 -2.82 15.76
C ASN B 203 -18.59 -2.04 14.49
N LYS B 204 -18.47 -0.72 14.61
CA LYS B 204 -17.95 0.06 13.50
C LYS B 204 -16.46 -0.20 13.30
N ASP B 205 -15.77 -0.60 14.35
CA ASP B 205 -14.41 -1.07 14.18
C ASP B 205 -14.38 -2.46 13.55
N LEU B 206 -15.41 -3.30 13.77
CA LEU B 206 -15.51 -4.48 12.93
C LEU B 206 -15.84 -4.13 11.50
N SER B 207 -16.50 -3.00 11.27
CA SER B 207 -16.63 -2.52 9.90
C SER B 207 -15.28 -2.10 9.35
N ASP B 208 -14.40 -1.57 10.22
CA ASP B 208 -13.06 -1.20 9.79
C ASP B 208 -12.24 -2.41 9.42
N MET B 209 -12.19 -3.42 10.31
CA MET B 209 -11.39 -4.61 10.09
C MET B 209 -11.98 -5.49 9.00
N THR B 210 -13.31 -5.49 8.90
CA THR B 210 -14.00 -6.05 7.75
C THR B 210 -13.50 -5.43 6.46
N ASN B 211 -13.45 -4.10 6.41
CA ASN B 211 -12.89 -3.39 5.27
C ASN B 211 -11.41 -3.68 5.09
N ILE B 212 -10.71 -4.02 6.17
CA ILE B 212 -9.31 -4.40 6.05
C ILE B 212 -9.19 -5.72 5.31
N LEU B 213 -10.05 -6.69 5.61
CA LEU B 213 -10.01 -7.92 4.82
C LEU B 213 -10.55 -7.73 3.41
N GLN B 214 -11.55 -6.87 3.24
CA GLN B 214 -12.11 -6.61 1.91
C GLN B 214 -11.07 -5.97 1.01
N GLN B 215 -10.58 -4.79 1.42
CA GLN B 215 -9.60 -4.04 0.67
C GLN B 215 -8.30 -4.80 0.54
N SER B 216 -7.91 -5.56 1.56
CA SER B 216 -6.69 -6.36 1.45
C SER B 216 -6.90 -7.53 0.49
N GLU B 217 -8.13 -8.01 0.36
CA GLU B 217 -8.43 -8.91 -0.74
C GLU B 217 -8.47 -8.19 -2.06
N LEU B 218 -8.64 -6.87 -2.07
CA LEU B 218 -8.58 -6.16 -3.34
C LEU B 218 -7.13 -6.00 -3.79
N LEU B 219 -6.21 -5.64 -2.88
CA LEU B 219 -4.79 -5.62 -3.22
C LEU B 219 -4.30 -7.03 -3.54
N LEU B 220 -4.82 -8.03 -2.82
CA LEU B 220 -4.47 -9.41 -3.09
C LEU B 220 -4.98 -9.83 -4.46
N THR B 221 -6.14 -9.29 -4.85
CA THR B 221 -6.76 -9.62 -6.12
C THR B 221 -5.99 -9.01 -7.28
N ASN B 222 -5.90 -7.67 -7.31
CA ASN B 222 -5.30 -7.01 -8.45
C ASN B 222 -3.78 -7.15 -8.43
N LEU B 223 -3.18 -7.22 -7.26
CA LEU B 223 -1.74 -7.29 -7.16
C LEU B 223 -1.19 -8.71 -7.18
N ASN B 224 -1.93 -9.70 -6.68
CA ASN B 224 -1.59 -11.07 -7.05
C ASN B 224 -1.86 -11.29 -8.53
N LYS B 225 -2.92 -10.66 -9.04
CA LYS B 225 -3.25 -10.66 -10.46
C LYS B 225 -2.17 -9.99 -11.30
N LYS B 226 -1.33 -9.14 -10.70
CA LYS B 226 -0.19 -8.57 -11.39
C LYS B 226 1.14 -9.17 -10.97
N MET B 227 1.45 -9.24 -9.68
CA MET B 227 2.83 -9.57 -9.30
C MET B 227 3.08 -11.07 -9.37
N GLY B 228 2.44 -11.84 -8.51
CA GLY B 228 2.51 -13.29 -8.63
C GLY B 228 3.81 -13.98 -8.31
N SER B 229 4.93 -13.43 -8.79
CA SER B 229 6.13 -14.15 -9.22
C SER B 229 6.77 -15.08 -8.20
N TYR B 230 7.33 -14.52 -7.13
CA TYR B 230 8.16 -15.34 -6.26
C TYR B 230 7.26 -15.84 -5.12
N ILE B 231 7.87 -16.37 -4.05
CA ILE B 231 7.13 -17.00 -2.96
C ILE B 231 6.53 -15.98 -1.98
N TYR B 232 6.76 -14.68 -2.27
CA TYR B 232 6.17 -13.56 -1.53
C TYR B 232 4.65 -13.68 -1.44
N ILE B 233 4.00 -14.07 -2.54
CA ILE B 233 2.54 -14.19 -2.58
C ILE B 233 2.04 -15.26 -1.61
N ASP B 234 2.75 -16.40 -1.54
CA ASP B 234 2.40 -17.47 -0.62
C ASP B 234 2.50 -17.02 0.84
N THR B 235 3.59 -16.31 1.17
CA THR B 235 3.75 -15.82 2.54
C THR B 235 2.71 -14.76 2.90
N ILE B 236 2.43 -13.84 1.96
CA ILE B 236 1.39 -12.83 2.14
C ILE B 236 0.03 -13.47 2.36
N LYS B 237 -0.27 -14.55 1.62
CA LYS B 237 -1.54 -15.24 1.82
C LYS B 237 -1.61 -15.92 3.17
N PHE B 238 -0.47 -16.43 3.66
CA PHE B 238 -0.45 -17.00 5.02
C PHE B 238 -0.75 -15.94 6.06
N ILE B 239 -0.18 -14.74 5.89
CA ILE B 239 -0.43 -13.65 6.82
C ILE B 239 -1.88 -13.19 6.73
N HIS B 240 -2.42 -13.14 5.51
CA HIS B 240 -3.78 -12.62 5.30
C HIS B 240 -4.82 -13.56 5.87
N LYS B 241 -4.64 -14.87 5.66
CA LYS B 241 -5.57 -15.82 6.24
C LYS B 241 -5.42 -15.88 7.75
N GLU B 242 -4.20 -15.64 8.26
CA GLU B 242 -3.99 -15.53 9.70
C GLU B 242 -4.83 -14.41 10.30
N MET B 243 -4.76 -13.22 9.68
CA MET B 243 -5.59 -12.11 10.13
C MET B 243 -7.07 -12.32 9.85
N LYS B 244 -7.42 -13.27 8.98
CA LYS B 244 -8.82 -13.62 8.82
C LYS B 244 -9.30 -14.56 9.93
N HIS B 245 -8.46 -15.49 10.39
CA HIS B 245 -8.83 -16.33 11.52
C HIS B 245 -8.93 -15.49 12.78
N ILE B 246 -7.95 -14.61 12.99
CA ILE B 246 -8.02 -13.65 14.07
C ILE B 246 -9.21 -12.70 13.88
N PHE B 247 -9.56 -12.40 12.62
CA PHE B 247 -10.77 -11.62 12.36
C PHE B 247 -12.03 -12.37 12.79
N ASN B 248 -12.02 -13.69 12.69
CA ASN B 248 -13.15 -14.47 13.21
C ASN B 248 -13.21 -14.37 14.73
N ARG B 249 -12.04 -14.49 15.37
CA ARG B 249 -11.92 -14.39 16.81
C ARG B 249 -12.46 -13.05 17.34
N ILE B 250 -11.91 -11.96 16.80
CA ILE B 250 -12.34 -10.59 17.05
C ILE B 250 -13.82 -10.41 16.75
N GLU B 251 -14.31 -11.07 15.71
CA GLU B 251 -15.68 -10.87 15.28
C GLU B 251 -16.68 -11.47 16.27
N TYR B 252 -16.48 -12.75 16.63
CA TYR B 252 -17.39 -13.33 17.60
C TYR B 252 -17.21 -12.74 18.99
N HIS B 253 -15.98 -12.42 19.39
CA HIS B 253 -15.83 -11.81 20.70
C HIS B 253 -16.36 -10.38 20.75
N THR B 254 -16.50 -9.73 19.58
CA THR B 254 -17.31 -8.52 19.52
C THR B 254 -18.79 -8.86 19.65
N LYS B 255 -19.20 -10.06 19.23
CA LYS B 255 -20.58 -10.43 19.54
C LYS B 255 -20.76 -10.84 20.99
N ILE B 256 -19.68 -11.24 21.68
CA ILE B 256 -19.70 -11.34 23.13
C ILE B 256 -19.79 -9.95 23.75
N ILE B 257 -19.23 -8.95 23.08
CA ILE B 257 -19.40 -7.58 23.57
C ILE B 257 -20.85 -7.14 23.42
N ASN B 258 -21.43 -7.32 22.23
CA ASN B 258 -22.77 -6.82 21.98
C ASN B 258 -23.82 -7.61 22.75
N ASP B 259 -23.67 -8.94 22.79
CA ASP B 259 -24.61 -9.77 23.54
C ASP B 259 -24.29 -9.70 25.02
N LYS B 260 -23.11 -10.18 25.40
CA LYS B 260 -22.71 -10.36 26.80
C LYS B 260 -22.58 -9.06 27.56
N THR B 261 -22.16 -7.98 26.90
CA THR B 261 -22.08 -6.70 27.61
C THR B 261 -23.48 -6.20 27.95
N LYS B 262 -24.41 -6.36 27.02
CA LYS B 262 -25.82 -6.13 27.28
C LYS B 262 -26.35 -7.07 28.37
N ILE B 263 -25.79 -8.28 28.46
CA ILE B 263 -26.17 -9.20 29.53
C ILE B 263 -25.64 -8.72 30.88
N ILE B 264 -24.47 -8.06 30.88
CA ILE B 264 -24.00 -7.40 32.08
C ILE B 264 -24.91 -6.25 32.46
N GLN B 265 -25.43 -5.54 31.45
CA GLN B 265 -26.38 -4.46 31.67
C GLN B 265 -27.67 -4.98 32.28
N ASP B 266 -28.15 -6.12 31.80
CA ASP B 266 -29.41 -6.68 32.27
C ASP B 266 -29.25 -7.27 33.66
N LYS B 267 -28.24 -8.11 33.84
CA LYS B 267 -27.99 -8.79 35.09
C LYS B 267 -27.50 -7.87 36.19
N ILE B 268 -26.98 -6.69 35.83
CA ILE B 268 -26.31 -5.86 36.82
C ILE B 268 -27.29 -5.20 37.77
N LYS B 269 -28.57 -5.13 37.40
CA LYS B 269 -29.57 -4.55 38.29
C LYS B 269 -29.93 -5.49 39.43
N LEU B 270 -29.82 -6.80 39.23
CA LEU B 270 -30.23 -7.77 40.23
C LEU B 270 -29.11 -8.14 41.19
N ASN B 271 -28.03 -7.35 41.25
CA ASN B 271 -26.85 -7.77 41.99
C ASN B 271 -26.54 -6.88 43.17
N ILE B 272 -26.34 -5.59 42.95
CA ILE B 272 -25.81 -4.70 43.97
C ILE B 272 -26.95 -3.88 44.54
N TRP B 273 -26.68 -3.25 45.70
CA TRP B 273 -27.61 -2.37 46.43
C TRP B 273 -28.94 -3.06 46.75
N ARG B 274 -28.91 -4.36 47.04
CA ARG B 274 -30.13 -5.11 47.29
C ARG B 274 -29.84 -6.23 48.28
N THR B 275 -30.77 -7.19 48.39
CA THR B 275 -30.56 -8.41 49.15
C THR B 275 -31.10 -9.59 48.36
N PHE B 276 -30.96 -10.76 48.96
CA PHE B 276 -31.60 -12.00 48.55
C PHE B 276 -31.70 -12.88 49.78
N GLN B 277 -32.56 -13.89 49.69
CA GLN B 277 -32.27 -15.14 50.36
C GLN B 277 -30.91 -15.61 49.88
N LYS B 278 -30.02 -15.89 50.84
CA LYS B 278 -28.55 -15.85 50.64
C LYS B 278 -28.06 -16.65 49.45
N ASP B 279 -28.67 -17.81 49.19
CA ASP B 279 -28.21 -18.69 48.12
C ASP B 279 -28.46 -18.10 46.75
N GLU B 280 -29.49 -17.26 46.58
CA GLU B 280 -29.71 -16.59 45.31
C GLU B 280 -28.67 -15.52 45.06
N LEU B 281 -28.30 -14.80 46.12
CA LEU B 281 -27.19 -13.87 46.06
C LEU B 281 -25.90 -14.57 45.68
N LEU B 282 -25.69 -15.78 46.22
CA LEU B 282 -24.50 -16.57 45.87
C LEU B 282 -24.57 -17.06 44.42
N LYS B 283 -25.78 -17.40 43.95
CA LYS B 283 -26.01 -17.74 42.56
C LYS B 283 -25.64 -16.58 41.65
N ARG B 284 -25.83 -15.35 42.11
CA ARG B 284 -25.38 -14.25 41.31
C ARG B 284 -23.91 -13.92 41.52
N ILE B 285 -23.27 -14.45 42.58
CA ILE B 285 -21.81 -14.35 42.66
C ILE B 285 -21.17 -15.26 41.63
N LEU B 286 -21.64 -16.50 41.54
CA LEU B 286 -21.13 -17.42 40.52
C LEU B 286 -21.51 -16.95 39.12
N ASP B 287 -22.77 -16.56 38.94
CA ASP B 287 -23.27 -16.16 37.62
C ASP B 287 -22.59 -14.89 37.12
N MET B 288 -22.52 -13.87 37.96
CA MET B 288 -21.85 -12.65 37.55
C MET B 288 -20.34 -12.85 37.47
N SER B 289 -19.80 -13.82 38.24
CA SER B 289 -18.41 -14.21 38.05
C SER B 289 -18.18 -14.84 36.69
N ASN B 290 -19.21 -15.45 36.10
CA ASN B 290 -19.10 -15.97 34.74
C ASN B 290 -19.17 -14.83 33.71
N GLU B 291 -20.05 -13.85 33.96
CA GLU B 291 -20.07 -12.63 33.15
C GLU B 291 -18.71 -11.94 33.16
N TYR B 292 -18.08 -11.89 34.34
CA TYR B 292 -16.76 -11.29 34.47
C TYR B 292 -15.70 -12.15 33.78
N SER B 293 -15.87 -13.48 33.82
CA SER B 293 -14.88 -14.38 33.24
C SER B 293 -14.83 -14.25 31.72
N LEU B 294 -16.00 -14.31 31.08
CA LEU B 294 -16.03 -14.17 29.62
C LEU B 294 -15.76 -12.75 29.17
N PHE B 295 -16.16 -11.76 29.98
CA PHE B 295 -15.85 -10.37 29.70
C PHE B 295 -14.35 -10.14 29.66
N ILE B 296 -13.67 -10.43 30.77
CA ILE B 296 -12.26 -10.16 30.91
C ILE B 296 -11.44 -11.02 29.97
N THR B 297 -11.80 -12.31 29.86
CA THR B 297 -11.11 -13.21 28.96
C THR B 297 -11.25 -12.75 27.51
N SER B 298 -12.46 -12.33 27.13
CA SER B 298 -12.71 -11.84 25.79
C SER B 298 -11.93 -10.56 25.49
N ASP B 299 -11.81 -9.67 26.48
CA ASP B 299 -11.13 -8.40 26.20
C ASP B 299 -9.62 -8.53 26.22
N HIS B 300 -9.09 -9.47 27.02
CA HIS B 300 -7.64 -9.69 27.05
C HIS B 300 -7.20 -10.39 25.76
N LEU B 301 -8.05 -11.31 25.27
CA LEU B 301 -7.92 -11.79 23.90
C LEU B 301 -7.97 -10.64 22.90
N ARG B 302 -8.89 -9.70 23.10
CA ARG B 302 -9.06 -8.58 22.18
C ARG B 302 -7.84 -7.66 22.19
N GLN B 303 -7.10 -7.63 23.30
CA GLN B 303 -5.94 -6.75 23.34
C GLN B 303 -4.67 -7.44 22.86
N MET B 304 -4.52 -8.75 23.11
CA MET B 304 -3.41 -9.47 22.50
C MET B 304 -3.55 -9.49 20.99
N LEU B 305 -4.75 -9.80 20.50
CA LEU B 305 -5.02 -9.77 19.07
C LEU B 305 -5.16 -8.36 18.55
N TYR B 306 -5.32 -7.38 19.42
CA TYR B 306 -5.37 -5.98 19.01
C TYR B 306 -3.97 -5.47 18.72
N ASN B 307 -3.02 -5.78 19.63
CA ASN B 307 -1.61 -5.43 19.44
C ASN B 307 -1.02 -6.15 18.25
N THR B 308 -1.20 -7.49 18.21
CA THR B 308 -0.73 -8.29 17.08
C THR B 308 -1.45 -7.88 15.81
N PHE B 309 -2.71 -7.46 15.93
CA PHE B 309 -3.50 -7.03 14.79
C PHE B 309 -2.90 -5.80 14.12
N TYR B 310 -2.84 -4.68 14.86
CA TYR B 310 -2.40 -3.45 14.19
C TYR B 310 -0.90 -3.37 14.00
N SER B 311 -0.11 -4.11 14.79
CA SER B 311 1.30 -4.30 14.45
C SER B 311 1.42 -5.02 13.11
N LYS B 312 0.57 -6.02 12.88
CA LYS B 312 0.46 -6.58 11.55
C LYS B 312 -0.15 -5.62 10.54
N GLU B 313 -0.88 -4.59 10.98
CA GLU B 313 -1.44 -3.64 10.03
C GLU B 313 -0.34 -2.74 9.50
N LYS B 314 0.59 -2.32 10.36
CA LYS B 314 1.75 -1.61 9.83
C LYS B 314 2.64 -2.55 9.03
N HIS B 315 2.69 -3.83 9.44
CA HIS B 315 3.50 -4.83 8.77
C HIS B 315 3.08 -5.03 7.31
N LEU B 316 1.85 -5.49 7.10
CA LEU B 316 1.38 -5.70 5.74
C LEU B 316 1.12 -4.37 5.02
N ASN B 317 0.91 -3.28 5.76
CA ASN B 317 0.81 -1.95 5.16
C ASN B 317 2.10 -1.60 4.43
N ASN B 318 3.23 -1.73 5.11
CA ASN B 318 4.48 -1.51 4.42
C ASN B 318 4.85 -2.65 3.48
N ILE B 319 4.17 -3.81 3.58
CA ILE B 319 4.32 -4.79 2.51
C ILE B 319 3.68 -4.29 1.22
N PHE B 320 2.50 -3.67 1.30
CA PHE B 320 1.95 -3.08 0.09
C PHE B 320 2.67 -1.81 -0.31
N HIS B 321 3.44 -1.21 0.59
CA HIS B 321 4.36 -0.15 0.24
C HIS B 321 5.80 -0.65 0.27
N HIS B 322 6.00 -1.89 -0.18
CA HIS B 322 7.29 -2.56 -0.18
C HIS B 322 7.66 -3.23 -1.50
N LEU B 323 6.69 -3.61 -2.34
CA LEU B 323 6.98 -4.43 -3.51
C LEU B 323 7.41 -3.62 -4.73
N ILE B 324 6.75 -2.49 -5.00
CA ILE B 324 7.12 -1.68 -6.15
C ILE B 324 8.47 -1.03 -5.93
N TYR B 325 8.81 -0.79 -4.66
CA TYR B 325 10.13 -0.29 -4.27
C TYR B 325 11.24 -1.26 -4.64
N VAL B 326 10.93 -2.56 -4.75
CA VAL B 326 11.93 -3.54 -5.13
C VAL B 326 11.89 -3.78 -6.64
N LEU B 327 10.77 -4.28 -7.14
CA LEU B 327 10.75 -4.77 -8.52
C LEU B 327 10.56 -3.68 -9.57
N GLN B 328 10.25 -2.44 -9.16
CA GLN B 328 10.36 -1.24 -9.99
C GLN B 328 9.49 -1.32 -11.25
N MET B 329 8.18 -1.35 -11.03
CA MET B 329 7.23 -1.22 -12.13
C MET B 329 6.86 0.26 -12.30
N LYS B 330 6.73 0.76 -13.55
CA LYS B 330 6.50 0.21 -14.93
C LYS B 330 5.82 -1.13 -15.16
N UNK C 1 -14.30 0.68 -38.12
CA UNK C 1 -14.47 0.65 -36.68
C UNK C 1 -14.34 -0.77 -36.14
N UNK C 2 -15.48 -1.45 -36.00
CA UNK C 2 -15.45 -2.86 -35.64
C UNK C 2 -14.84 -3.71 -36.74
N UNK C 3 -15.10 -3.36 -37.99
CA UNK C 3 -14.41 -3.99 -39.10
C UNK C 3 -13.00 -3.44 -39.30
N UNK C 4 -12.63 -2.38 -38.58
CA UNK C 4 -11.23 -1.97 -38.53
C UNK C 4 -10.46 -2.80 -37.51
N UNK C 5 -11.13 -3.18 -36.40
CA UNK C 5 -10.55 -4.18 -35.52
C UNK C 5 -10.51 -5.54 -36.21
N UNK C 6 -11.52 -5.84 -37.04
CA UNK C 6 -11.45 -7.01 -37.89
C UNK C 6 -10.44 -6.83 -39.01
N UNK C 7 -10.06 -5.60 -39.33
CA UNK C 7 -8.95 -5.34 -40.23
C UNK C 7 -7.61 -5.43 -39.51
N UNK C 8 -7.62 -5.38 -38.19
CA UNK C 8 -6.46 -5.78 -37.42
C UNK C 8 -6.38 -7.29 -37.29
N UNK C 9 -7.54 -7.96 -37.28
CA UNK C 9 -7.55 -9.40 -37.50
C UNK C 9 -7.06 -9.74 -38.89
N UNK C 10 -7.38 -8.90 -39.87
CA UNK C 10 -6.80 -9.02 -41.19
C UNK C 10 -5.35 -8.59 -41.21
N UNK C 11 -4.91 -7.81 -40.22
CA UNK C 11 -3.48 -7.57 -40.05
C UNK C 11 -2.80 -8.77 -39.40
N UNK C 12 -3.55 -9.61 -38.68
CA UNK C 12 -3.01 -10.89 -38.28
C UNK C 12 -2.98 -11.86 -39.45
N UNK C 13 -3.94 -11.73 -40.37
CA UNK C 13 -3.84 -12.43 -41.65
C UNK C 13 -2.67 -11.91 -42.47
N UNK C 14 -2.31 -10.63 -42.29
CA UNK C 14 -1.11 -10.08 -42.90
C UNK C 14 0.14 -10.56 -42.19
N UNK C 15 0.05 -10.90 -40.91
CA UNK C 15 1.13 -11.65 -40.28
C UNK C 15 1.21 -13.05 -40.86
N UNK C 16 0.07 -13.60 -41.27
CA UNK C 16 0.06 -14.86 -41.99
C UNK C 16 0.43 -14.64 -43.44
N UNK D 1 0.86 -1.29 -45.93
CA UNK D 1 -0.19 -0.56 -46.63
C UNK D 1 -0.92 0.37 -45.66
N UNK D 2 -2.09 0.86 -46.07
CA UNK D 2 -2.91 1.73 -45.24
C UNK D 2 -4.38 1.54 -45.59
N UNK D 3 -5.26 1.74 -44.61
CA UNK D 3 -6.69 1.56 -44.77
C UNK D 3 -7.41 2.87 -44.46
N UNK D 4 -8.56 3.08 -45.10
CA UNK D 4 -9.36 4.29 -44.91
C UNK D 4 -10.84 3.94 -44.97
N UNK D 5 -11.66 4.70 -44.24
CA UNK D 5 -13.10 4.48 -44.22
C UNK D 5 -13.82 5.52 -45.07
#